data_3V01
#
_entry.id   3V01
#
_cell.length_a   81.619
_cell.length_b   81.619
_cell.length_c   129.521
_cell.angle_alpha   90.00
_cell.angle_beta   90.00
_cell.angle_gamma   120.00
#
_symmetry.space_group_name_H-M   'P 62'
#
loop_
_entity.id
_entity.type
_entity.pdbx_description
1 polymer 'Dual specificity mitogen-activated protein kinase kinase 1'
2 non-polymer N-{[(2R)-2,3-dihydroxypropyl]oxy}-3-[(2-fluoro-4-iodophenyl)amino]furo[3,2-c]pyridine-2-carboxamide
3 non-polymer "ADENOSINE-5'-TRIPHOSPHATE"
4 non-polymer 'MAGNESIUM ION'
#
_entity_poly.entity_id   1
_entity_poly.type   'polypeptide(L)'
_entity_poly.pdbx_seq_one_letter_code
;MELKDDDFEKISELGAGNGGVVFKVSHKPSGLVMARKLIHLEIKPAIRNQIIRELQVLHECNSPYIVGFYGAFYSDGEIS
ICMEHMDGGSLDQVLKKAGRIPEQILGKVSIAVIKGLTYLREKHKIMHRDVKPSNILVNSRGEIKLCDFGVSGQLIDSMA
NSFVGTRSYMSPERLQGTHYSVQSDIWSMGLSLVEMAVGRYPIPPPDAKELELMFGCQVEGDAAETPPRPRTPGRPLSSY
GMDSRPPMAIFELLDYIVNEPPPKLPSGVFSLEFQDFVNKCLIKNPAERADLKQLMVHAFIKRSDAEEVDFAGWLCSTIG
LNQPSTPTHAAGVLEHHHHHH
;
_entity_poly.pdbx_strand_id   A
#
loop_
_chem_comp.id
_chem_comp.type
_chem_comp.name
_chem_comp.formula
3V0 non-polymer N-{[(2R)-2,3-dihydroxypropyl]oxy}-3-[(2-fluoro-4-iodophenyl)amino]furo[3,2-c]pyridine-2-carboxamide 'C17 H15 F I N3 O5'
ATP non-polymer ADENOSINE-5'-TRIPHOSPHATE 'C10 H16 N5 O13 P3'
MG non-polymer 'MAGNESIUM ION' 'Mg 2'
#
# COMPACT_ATOMS: atom_id res chain seq x y z
N MET A 1 -19.76 -0.94 19.70
CA MET A 1 -19.24 -0.28 20.93
C MET A 1 -18.30 0.85 20.55
N GLU A 2 -18.33 1.93 21.32
CA GLU A 2 -17.47 3.08 21.09
C GLU A 2 -16.07 2.81 21.64
N LEU A 3 -15.06 3.33 20.97
CA LEU A 3 -13.69 3.18 21.40
C LEU A 3 -13.18 4.44 22.07
N LYS A 4 -12.43 4.23 23.15
CA LYS A 4 -11.98 5.29 24.04
C LYS A 4 -10.55 4.93 24.52
N ASP A 5 -9.73 5.95 24.78
CA ASP A 5 -8.29 5.77 25.09
C ASP A 5 -7.98 4.89 26.31
N ASP A 6 -8.74 5.02 27.39
CA ASP A 6 -8.44 4.27 28.62
C ASP A 6 -8.85 2.79 28.55
N ASP A 7 -9.59 2.41 27.50
CA ASP A 7 -9.97 1.03 27.29
C ASP A 7 -8.87 0.17 26.63
N PHE A 8 -7.72 0.76 26.30
CA PHE A 8 -6.63 0.03 25.62
C PHE A 8 -5.44 -0.22 26.49
N GLU A 9 -4.57 -1.10 26.00
CA GLU A 9 -3.32 -1.45 26.67
C GLU A 9 -2.33 -1.87 25.61
N LYS A 10 -1.16 -1.26 25.57
CA LYS A 10 -0.16 -1.54 24.53
C LYS A 10 0.39 -2.93 24.72
N ILE A 11 0.44 -3.71 23.65
CA ILE A 11 1.09 -5.04 23.67
C ILE A 11 2.53 -4.89 23.16
N SER A 12 2.69 -4.47 21.91
CA SER A 12 3.99 -4.19 21.31
C SER A 12 3.88 -3.02 20.31
N GLU A 13 4.97 -2.68 19.65
CA GLU A 13 4.96 -1.65 18.62
C GLU A 13 5.15 -2.30 17.27
N LEU A 14 4.25 -2.01 16.33
CA LEU A 14 4.29 -2.63 15.02
C LEU A 14 5.15 -1.84 14.04
N GLY A 15 5.42 -0.59 14.36
CA GLY A 15 6.37 0.18 13.59
C GLY A 15 6.00 1.64 13.56
N ALA A 16 6.66 2.35 12.65
CA ALA A 16 6.45 3.77 12.45
C ALA A 16 6.68 4.12 10.99
N GLY A 17 6.39 5.36 10.67
CA GLY A 17 6.66 5.87 9.35
C GLY A 17 6.43 7.36 9.36
N ASN A 18 7.39 8.11 8.80
CA ASN A 18 7.30 9.56 8.54
C ASN A 18 6.19 10.30 9.35
N GLY A 19 6.22 10.12 10.66
CA GLY A 19 5.14 10.60 11.52
C GLY A 19 4.64 9.44 12.38
N GLY A 20 3.37 9.50 12.74
CA GLY A 20 2.74 8.58 13.71
C GLY A 20 3.10 7.10 13.72
N VAL A 21 2.97 6.49 14.90
CA VAL A 21 3.33 5.09 15.10
C VAL A 21 2.09 4.23 15.22
N VAL A 22 2.27 2.93 14.99
CA VAL A 22 1.18 2.01 15.21
C VAL A 22 1.56 0.95 16.26
N PHE A 23 0.66 0.79 17.21
CA PHE A 23 0.81 -0.21 18.25
C PHE A 23 -0.13 -1.38 18.00
N LYS A 24 0.36 -2.58 18.37
CA LYS A 24 -0.49 -3.75 18.49
C LYS A 24 -1.04 -3.64 19.89
N VAL A 25 -2.36 -3.49 19.99
CA VAL A 25 -2.99 -3.23 21.28
C VAL A 25 -4.11 -4.21 21.59
N SER A 26 -4.49 -4.25 22.85
CA SER A 26 -5.61 -5.05 23.30
C SER A 26 -6.71 -4.10 23.77
N HIS A 27 -7.87 -4.21 23.15
CA HIS A 27 -9.06 -3.49 23.58
C HIS A 27 -9.67 -4.24 24.75
N LYS A 28 -9.40 -3.77 25.97
CA LYS A 28 -9.72 -4.52 27.18
C LYS A 28 -11.19 -4.98 27.27
N PRO A 29 -12.16 -4.12 26.96
CA PRO A 29 -13.56 -4.55 27.06
C PRO A 29 -13.99 -5.71 26.12
N SER A 30 -13.49 -5.71 24.91
CA SER A 30 -13.79 -6.73 23.91
C SER A 30 -12.86 -7.94 23.96
N GLY A 31 -11.61 -7.74 24.38
CA GLY A 31 -10.58 -8.78 24.30
C GLY A 31 -9.83 -8.79 22.95
N LEU A 32 -10.29 -8.00 21.98
CA LEU A 32 -9.74 -8.03 20.65
C LEU A 32 -8.36 -7.43 20.57
N VAL A 33 -7.47 -8.11 19.85
CA VAL A 33 -6.22 -7.51 19.44
C VAL A 33 -6.46 -6.63 18.21
N MET A 34 -5.93 -5.41 18.23
CA MET A 34 -6.15 -4.45 17.15
C MET A 34 -4.85 -3.77 16.86
N ALA A 35 -4.81 -3.07 15.73
CA ALA A 35 -3.70 -2.19 15.41
C ALA A 35 -4.22 -0.80 15.61
N ARG A 36 -3.54 -0.04 16.44
CA ARG A 36 -3.94 1.31 16.72
C ARG A 36 -2.92 2.25 16.12
N LYS A 37 -3.34 2.99 15.09
CA LYS A 37 -2.49 3.99 14.49
C LYS A 37 -2.75 5.33 15.17
N LEU A 38 -1.68 5.98 15.64
CA LEU A 38 -1.79 7.32 16.22
C LEU A 38 -1.16 8.35 15.30
N ILE A 39 -1.90 9.43 15.02
CA ILE A 39 -1.37 10.51 14.20
C ILE A 39 -1.37 11.84 14.94
N HIS A 40 -0.18 12.41 15.16
CA HIS A 40 -0.05 13.68 15.88
C HIS A 40 -0.48 14.86 15.03
N LEU A 41 -1.49 15.59 15.49
CA LEU A 41 -1.94 16.77 14.79
C LEU A 41 -2.26 17.91 15.75
N GLU A 42 -1.32 18.86 15.84
CA GLU A 42 -1.54 20.13 16.51
C GLU A 42 -2.57 20.87 15.65
N ILE A 43 -3.85 20.66 15.98
CA ILE A 43 -4.97 20.98 15.10
C ILE A 43 -6.21 21.36 15.91
N LYS A 44 -6.92 22.40 15.46
CA LYS A 44 -8.03 23.00 16.22
C LYS A 44 -9.15 22.00 16.48
N PRO A 45 -9.89 22.18 17.58
CA PRO A 45 -10.85 21.15 18.00
C PRO A 45 -12.11 21.00 17.12
N ALA A 46 -12.30 21.92 16.17
CA ALA A 46 -13.50 21.89 15.34
C ALA A 46 -13.30 20.89 14.24
N ILE A 47 -12.18 21.05 13.55
CA ILE A 47 -11.89 20.26 12.39
C ILE A 47 -11.42 18.85 12.73
N ARG A 48 -10.96 18.61 13.94
CA ARG A 48 -10.66 17.24 14.36
C ARG A 48 -11.92 16.41 14.61
N ASN A 49 -13.07 17.05 14.80
CA ASN A 49 -14.33 16.31 14.84
C ASN A 49 -14.79 15.95 13.44
N GLN A 50 -14.48 16.80 12.47
CA GLN A 50 -14.86 16.51 11.10
C GLN A 50 -14.13 15.25 10.64
N ILE A 51 -12.86 15.17 11.01
CA ILE A 51 -11.99 14.08 10.62
C ILE A 51 -12.56 12.77 11.11
N ILE A 52 -13.00 12.78 12.37
CA ILE A 52 -13.58 11.60 12.97
C ILE A 52 -14.92 11.28 12.31
N ARG A 53 -15.67 12.32 11.98
CA ARG A 53 -16.98 12.18 11.35
C ARG A 53 -16.81 11.56 9.96
N GLU A 54 -15.74 11.95 9.28
CA GLU A 54 -15.46 11.53 7.91
C GLU A 54 -14.89 10.13 7.87
N LEU A 55 -14.13 9.78 8.90
CA LEU A 55 -13.54 8.43 9.02
C LEU A 55 -14.57 7.37 9.36
N GLN A 56 -15.75 7.77 9.80
CA GLN A 56 -16.83 6.81 10.05
C GLN A 56 -17.28 6.09 8.79
N VAL A 57 -16.90 6.57 7.61
CA VAL A 57 -17.26 5.81 6.42
C VAL A 57 -16.53 4.47 6.40
N LEU A 58 -15.38 4.39 7.06
CA LEU A 58 -14.65 3.15 7.15
C LEU A 58 -15.48 1.99 7.73
N HIS A 59 -16.48 2.28 8.57
CA HIS A 59 -17.40 1.23 9.01
C HIS A 59 -18.15 0.57 7.85
N GLU A 60 -18.37 1.28 6.75
CA GLU A 60 -18.96 0.69 5.56
C GLU A 60 -17.94 0.25 4.51
N CYS A 61 -16.65 0.29 4.84
CA CYS A 61 -15.62 -0.22 3.91
C CYS A 61 -15.29 -1.67 4.18
N ASN A 62 -16.16 -2.55 3.70
CA ASN A 62 -16.05 -3.97 3.96
C ASN A 62 -15.75 -4.74 2.69
N SER A 63 -14.57 -5.34 2.65
CA SER A 63 -14.09 -6.04 1.47
C SER A 63 -12.99 -6.98 1.92
N PRO A 64 -12.93 -8.16 1.32
CA PRO A 64 -11.80 -9.01 1.68
C PRO A 64 -10.46 -8.38 1.36
N TYR A 65 -10.43 -7.38 0.47
CA TYR A 65 -9.16 -6.74 0.06
C TYR A 65 -8.89 -5.38 0.74
N ILE A 66 -9.66 -5.06 1.78
CA ILE A 66 -9.50 -3.83 2.54
C ILE A 66 -9.45 -4.12 4.02
N VAL A 67 -8.40 -3.63 4.67
CA VAL A 67 -8.23 -3.74 6.12
C VAL A 67 -9.44 -3.24 6.90
N GLY A 68 -9.90 -4.05 7.86
CA GLY A 68 -11.12 -3.78 8.63
C GLY A 68 -10.93 -2.65 9.59
N PHE A 69 -12.02 -1.91 9.86
CA PHE A 69 -12.03 -0.74 10.75
C PHE A 69 -12.85 -1.05 12.00
N TYR A 70 -12.36 -0.63 13.16
CA TYR A 70 -13.08 -0.80 14.44
C TYR A 70 -13.65 0.52 14.90
N GLY A 71 -12.86 1.59 14.81
CA GLY A 71 -13.34 2.91 15.19
C GLY A 71 -12.24 3.97 15.23
N ALA A 72 -12.67 5.21 15.40
CA ALA A 72 -11.74 6.32 15.47
C ALA A 72 -12.14 7.31 16.55
N PHE A 73 -11.14 7.93 17.16
CA PHE A 73 -11.39 8.93 18.20
C PHE A 73 -10.16 9.81 18.36
N TYR A 74 -10.32 10.91 19.10
CA TYR A 74 -9.24 11.86 19.35
C TYR A 74 -8.88 11.75 20.81
N SER A 75 -7.59 11.63 21.12
CA SER A 75 -7.17 11.40 22.49
C SER A 75 -6.63 12.67 23.12
N ASP A 76 -5.33 12.90 23.02
CA ASP A 76 -4.70 14.04 23.70
C ASP A 76 -3.58 14.47 22.77
N GLY A 77 -3.94 15.26 21.77
CA GLY A 77 -3.02 15.62 20.71
C GLY A 77 -3.16 14.79 19.45
N GLU A 78 -3.64 13.54 19.60
CA GLU A 78 -3.54 12.56 18.51
C GLU A 78 -4.88 11.95 18.13
N ILE A 79 -5.08 11.70 16.84
CA ILE A 79 -6.28 11.00 16.36
C ILE A 79 -5.91 9.54 16.19
N SER A 80 -6.72 8.67 16.78
CA SER A 80 -6.46 7.23 16.81
C SER A 80 -7.34 6.57 15.78
N ILE A 81 -6.74 5.74 14.95
CA ILE A 81 -7.49 4.88 14.03
C ILE A 81 -7.21 3.44 14.43
N CYS A 82 -8.28 2.72 14.71
CA CYS A 82 -8.21 1.34 15.18
C CYS A 82 -8.67 0.32 14.13
N MET A 83 -7.75 -0.55 13.73
CA MET A 83 -8.02 -1.47 12.64
C MET A 83 -7.60 -2.89 12.98
N GLU A 84 -8.08 -3.80 12.15
CA GLU A 84 -7.61 -5.17 12.11
C GLU A 84 -6.09 -5.24 12.23
N HIS A 85 -5.61 -6.07 13.14
CA HIS A 85 -4.20 -6.37 13.23
C HIS A 85 -3.95 -7.38 12.13
N MET A 86 -2.91 -7.16 11.32
CA MET A 86 -2.56 -8.08 10.25
C MET A 86 -1.22 -8.69 10.64
N ASP A 87 -1.24 -9.98 10.96
CA ASP A 87 -0.14 -10.59 11.70
C ASP A 87 1.07 -10.91 10.83
N GLY A 88 0.92 -10.69 9.53
CA GLY A 88 2.02 -10.86 8.56
C GLY A 88 2.75 -9.57 8.25
N GLY A 89 2.16 -8.45 8.66
CA GLY A 89 2.75 -7.15 8.43
C GLY A 89 2.49 -6.62 7.04
N SER A 90 3.34 -5.68 6.61
CA SER A 90 3.21 -5.06 5.30
C SER A 90 4.17 -5.75 4.37
N LEU A 91 3.91 -5.58 3.08
CA LEU A 91 4.72 -6.20 2.06
C LEU A 91 6.11 -5.61 2.01
N ASP A 92 6.32 -4.43 2.59
CA ASP A 92 7.69 -3.93 2.65
C ASP A 92 8.50 -4.69 3.69
N GLN A 93 7.85 -5.12 4.79
CA GLN A 93 8.51 -5.97 5.78
C GLN A 93 8.81 -7.38 5.22
N VAL A 94 7.85 -7.99 4.55
CA VAL A 94 8.09 -9.34 4.01
C VAL A 94 9.16 -9.32 2.89
N LEU A 95 9.25 -8.21 2.16
CA LEU A 95 10.32 -8.06 1.18
C LEU A 95 11.71 -8.06 1.80
N LYS A 96 11.89 -7.33 2.90
CA LYS A 96 13.16 -7.33 3.65
C LYS A 96 13.59 -8.77 3.95
N LYS A 97 12.68 -9.54 4.54
CA LYS A 97 12.98 -10.94 4.87
C LYS A 97 13.12 -11.84 3.62
N ALA A 98 12.21 -11.68 2.66
CA ALA A 98 12.17 -12.54 1.46
C ALA A 98 13.29 -12.33 0.45
N GLY A 99 13.90 -11.14 0.43
CA GLY A 99 14.85 -10.77 -0.64
C GLY A 99 14.10 -10.32 -1.89
N ARG A 100 13.36 -11.24 -2.49
CA ARG A 100 12.45 -10.95 -3.59
C ARG A 100 11.14 -11.63 -3.30
N ILE A 101 10.08 -11.16 -3.94
CA ILE A 101 8.82 -11.90 -3.94
C ILE A 101 8.68 -12.57 -5.30
N PRO A 102 8.43 -13.89 -5.31
CA PRO A 102 8.18 -14.60 -6.55
C PRO A 102 7.02 -14.01 -7.34
N GLU A 103 7.08 -14.18 -8.67
CA GLU A 103 6.07 -13.68 -9.60
C GLU A 103 4.68 -14.24 -9.35
N GLN A 104 4.60 -15.51 -9.03
CA GLN A 104 3.33 -16.16 -8.78
C GLN A 104 2.65 -15.44 -7.62
N ILE A 105 3.43 -15.18 -6.58
CA ILE A 105 2.94 -14.49 -5.38
C ILE A 105 2.54 -13.05 -5.69
N LEU A 106 3.32 -12.35 -6.50
CA LEU A 106 2.94 -11.02 -6.96
C LEU A 106 1.69 -11.03 -7.84
N GLY A 107 1.36 -12.18 -8.40
CA GLY A 107 0.12 -12.31 -9.16
C GLY A 107 -1.04 -12.24 -8.21
N LYS A 108 -0.89 -12.85 -7.04
CA LYS A 108 -1.97 -12.83 -6.08
C LYS A 108 -2.12 -11.41 -5.49
N VAL A 109 -0.98 -10.73 -5.28
CA VAL A 109 -0.96 -9.38 -4.77
C VAL A 109 -1.59 -8.39 -5.74
N SER A 110 -1.25 -8.55 -7.01
CA SER A 110 -1.77 -7.66 -8.04
C SER A 110 -3.27 -7.79 -8.07
N ILE A 111 -3.74 -8.99 -7.96
CA ILE A 111 -5.18 -9.20 -7.94
C ILE A 111 -5.83 -8.43 -6.80
N ALA A 112 -5.27 -8.57 -5.59
CA ALA A 112 -5.81 -7.91 -4.39
C ALA A 112 -5.83 -6.41 -4.53
N VAL A 113 -4.75 -5.84 -5.01
CA VAL A 113 -4.66 -4.40 -5.12
C VAL A 113 -5.71 -3.90 -6.11
N ILE A 114 -5.79 -4.50 -7.28
CA ILE A 114 -6.76 -4.09 -8.29
C ILE A 114 -8.18 -4.15 -7.76
N LYS A 115 -8.50 -5.23 -7.06
CA LYS A 115 -9.84 -5.43 -6.55
C LYS A 115 -10.18 -4.52 -5.37
N GLY A 116 -9.15 -4.12 -4.63
CA GLY A 116 -9.30 -3.15 -3.54
C GLY A 116 -9.53 -1.75 -4.05
N LEU A 117 -8.70 -1.35 -5.01
CA LEU A 117 -8.87 -0.04 -5.62
C LEU A 117 -10.27 0.03 -6.22
N THR A 118 -10.66 -1.04 -6.91
CA THR A 118 -11.95 -1.10 -7.59
C THR A 118 -13.08 -0.97 -6.57
N TYR A 119 -12.93 -1.63 -5.43
CA TYR A 119 -13.94 -1.52 -4.39
C TYR A 119 -14.06 -0.08 -3.91
N LEU A 120 -12.93 0.55 -3.60
CA LEU A 120 -12.94 1.89 -3.07
C LEU A 120 -13.52 2.90 -4.04
N ARG A 121 -13.24 2.73 -5.33
CA ARG A 121 -13.77 3.61 -6.38
C ARG A 121 -15.27 3.38 -6.64
N GLU A 122 -15.65 2.14 -6.92
CA GLU A 122 -17.02 1.84 -7.32
C GLU A 122 -17.96 2.08 -6.15
N LYS A 123 -17.61 1.60 -4.97
CA LYS A 123 -18.53 1.67 -3.86
C LYS A 123 -18.40 2.89 -2.95
N HIS A 124 -17.29 3.63 -3.06
CA HIS A 124 -17.05 4.83 -2.22
C HIS A 124 -16.46 6.03 -2.93
N LYS A 125 -16.34 5.97 -4.25
CA LYS A 125 -15.83 7.09 -5.02
C LYS A 125 -14.56 7.66 -4.38
N ILE A 126 -13.62 6.81 -3.97
CA ILE A 126 -12.33 7.34 -3.55
C ILE A 126 -11.10 6.65 -4.09
N MET A 127 -10.08 7.48 -4.31
CA MET A 127 -8.77 7.02 -4.67
C MET A 127 -7.96 6.68 -3.43
N HIS A 128 -7.01 5.77 -3.58
CA HIS A 128 -6.15 5.42 -2.46
C HIS A 128 -5.31 6.62 -2.02
N ARG A 129 -4.45 7.09 -2.93
CA ARG A 129 -3.50 8.23 -2.77
C ARG A 129 -2.13 7.86 -2.22
N ASP A 130 -1.93 6.63 -1.78
CA ASP A 130 -0.71 6.25 -1.09
C ASP A 130 -0.48 4.71 -1.23
N VAL A 131 -0.44 4.25 -2.46
CA VAL A 131 -0.20 2.83 -2.72
C VAL A 131 1.29 2.63 -2.70
N LYS A 132 1.74 1.70 -1.85
CA LYS A 132 3.13 1.28 -1.78
C LYS A 132 3.23 0.03 -0.89
N PRO A 133 4.35 -0.71 -0.94
CA PRO A 133 4.44 -1.98 -0.22
C PRO A 133 4.04 -1.92 1.26
N SER A 134 4.34 -0.81 1.92
CA SER A 134 4.04 -0.67 3.33
C SER A 134 2.55 -0.49 3.64
N ASN A 135 1.75 -0.14 2.63
CA ASN A 135 0.31 0.02 2.82
C ASN A 135 -0.48 -1.10 2.19
N ILE A 136 0.23 -2.18 1.86
CA ILE A 136 -0.41 -3.43 1.49
C ILE A 136 -0.06 -4.40 2.60
N LEU A 137 -1.06 -4.83 3.33
CA LEU A 137 -0.87 -5.69 4.47
C LEU A 137 -1.33 -7.12 4.19
N VAL A 138 -0.69 -8.07 4.86
CA VAL A 138 -1.00 -9.50 4.67
C VAL A 138 -1.09 -10.20 6.02
N ASN A 139 -1.84 -11.31 6.08
CA ASN A 139 -1.94 -12.12 7.30
C ASN A 139 -1.85 -13.59 7.02
N SER A 140 -1.74 -14.37 8.10
CA SER A 140 -1.45 -15.81 8.04
C SER A 140 -2.59 -16.66 7.47
N ARG A 141 -3.80 -16.10 7.41
CA ARG A 141 -4.89 -16.70 6.64
C ARG A 141 -4.76 -16.45 5.13
N GLY A 142 -3.70 -15.77 4.70
CA GLY A 142 -3.44 -15.57 3.27
C GLY A 142 -4.17 -14.41 2.62
N GLU A 143 -4.75 -13.54 3.44
CA GLU A 143 -5.43 -12.35 2.92
C GLU A 143 -4.43 -11.23 2.64
N ILE A 144 -4.73 -10.44 1.60
CA ILE A 144 -3.92 -9.32 1.18
C ILE A 144 -4.83 -8.11 1.15
N LYS A 145 -4.51 -7.07 1.91
CA LYS A 145 -5.43 -5.97 2.05
C LYS A 145 -4.75 -4.65 2.01
N LEU A 146 -5.45 -3.64 1.51
CA LEU A 146 -4.96 -2.25 1.47
C LEU A 146 -5.37 -1.48 2.71
N CYS A 147 -4.55 -0.52 3.13
CA CYS A 147 -4.94 0.35 4.23
C CYS A 147 -4.42 1.72 3.88
N ASP A 148 -4.55 2.66 4.82
CA ASP A 148 -3.96 4.00 4.67
C ASP A 148 -4.42 4.70 3.39
N PHE A 149 -5.66 4.46 2.97
CA PHE A 149 -6.23 5.11 1.79
C PHE A 149 -6.96 6.37 2.21
N GLY A 150 -7.25 7.23 1.23
CA GLY A 150 -7.72 8.58 1.53
C GLY A 150 -9.22 8.72 1.68
N VAL A 151 -9.77 8.26 2.82
CA VAL A 151 -11.22 8.41 3.06
C VAL A 151 -11.63 9.80 3.46
N SER A 152 -10.90 10.40 4.39
CA SER A 152 -11.28 11.70 4.96
C SER A 152 -10.56 12.79 4.22
N GLY A 153 -11.31 13.65 3.54
CA GLY A 153 -10.72 14.77 2.82
C GLY A 153 -9.99 15.70 3.78
N GLN A 154 -10.60 15.94 4.93
CA GLN A 154 -9.95 16.80 5.91
C GLN A 154 -8.60 16.24 6.33
N LEU A 155 -8.52 14.93 6.53
CA LEU A 155 -7.30 14.37 7.08
C LEU A 155 -6.19 14.52 6.05
N ILE A 156 -6.52 14.27 4.79
CA ILE A 156 -5.57 14.54 3.72
C ILE A 156 -5.00 15.98 3.83
N ASP A 157 -5.86 16.98 4.03
CA ASP A 157 -5.41 18.39 4.10
C ASP A 157 -4.51 18.67 5.31
N SER A 158 -4.89 18.16 6.47
CA SER A 158 -4.13 18.39 7.68
C SER A 158 -2.77 17.69 7.72
N MET A 159 -2.48 16.81 6.77
CA MET A 159 -1.17 16.16 6.71
C MET A 159 -0.24 16.71 5.63
N ALA A 160 -0.77 17.53 4.72
CA ALA A 160 0.00 17.93 3.52
C ALA A 160 1.05 18.99 3.80
N VAL A 164 6.97 13.26 3.43
CA VAL A 164 7.31 13.00 2.03
C VAL A 164 8.27 11.80 1.91
N GLY A 165 9.50 11.97 2.40
CA GLY A 165 10.49 10.89 2.42
C GLY A 165 11.55 10.99 1.33
N THR A 166 12.28 9.89 1.15
CA THR A 166 13.41 9.81 0.22
C THR A 166 13.19 8.80 -0.93
N ARG A 167 11.99 8.21 -0.99
CA ARG A 167 11.60 7.31 -2.05
C ARG A 167 10.15 7.58 -2.34
N SER A 168 9.87 7.96 -3.59
CA SER A 168 8.53 8.36 -3.97
C SER A 168 7.93 7.31 -4.86
N TYR A 169 6.70 6.92 -4.51
CA TYR A 169 5.84 6.12 -5.38
C TYR A 169 4.80 7.02 -6.06
N MET A 170 5.05 8.34 -6.08
CA MET A 170 4.15 9.26 -6.77
C MET A 170 4.35 9.24 -8.28
N SER A 171 3.27 9.54 -8.99
CA SER A 171 3.26 9.44 -10.43
C SER A 171 3.83 10.73 -10.96
N PRO A 172 4.35 10.74 -12.20
CA PRO A 172 4.88 11.98 -12.75
C PRO A 172 3.88 13.11 -12.69
N GLU A 173 2.61 12.83 -12.95
CA GLU A 173 1.62 13.90 -13.00
C GLU A 173 1.40 14.49 -11.62
N ARG A 174 1.28 13.62 -10.62
CA ARG A 174 1.09 14.14 -9.24
C ARG A 174 2.33 14.88 -8.80
N LEU A 175 3.51 14.41 -9.21
CA LEU A 175 4.74 15.10 -8.80
C LEU A 175 4.78 16.50 -9.38
N GLN A 176 4.26 16.68 -10.61
CA GLN A 176 4.35 17.97 -11.32
C GLN A 176 3.26 18.98 -11.00
N GLY A 177 2.20 18.58 -10.33
CA GLY A 177 1.18 19.53 -9.97
C GLY A 177 -0.08 18.91 -9.43
N THR A 178 -1.16 19.68 -9.46
CA THR A 178 -2.46 19.21 -8.96
C THR A 178 -3.22 18.32 -9.97
N HIS A 179 -2.77 18.27 -11.22
CA HIS A 179 -3.49 17.57 -12.28
C HIS A 179 -3.27 16.05 -12.17
N TYR A 180 -3.88 15.43 -11.16
CA TYR A 180 -3.89 13.96 -11.00
C TYR A 180 -5.24 13.48 -10.48
N SER A 181 -5.42 12.16 -10.44
CA SER A 181 -6.58 11.49 -9.88
C SER A 181 -6.30 9.97 -9.88
N VAL A 182 -7.32 9.14 -10.15
CA VAL A 182 -7.26 7.70 -9.85
C VAL A 182 -6.20 6.97 -10.64
N GLN A 183 -5.87 7.48 -11.82
CA GLN A 183 -4.82 6.85 -12.61
C GLN A 183 -3.47 6.89 -11.87
N SER A 184 -3.31 7.84 -10.96
CA SER A 184 -2.05 7.91 -10.21
C SER A 184 -1.82 6.63 -9.34
N ASP A 185 -2.89 6.01 -8.84
CA ASP A 185 -2.75 4.79 -8.04
C ASP A 185 -2.17 3.65 -8.86
N ILE A 186 -2.49 3.62 -10.16
CA ILE A 186 -1.96 2.60 -11.06
C ILE A 186 -0.45 2.71 -11.12
N TRP A 187 0.06 3.92 -11.29
CA TRP A 187 1.48 4.09 -11.36
C TRP A 187 2.12 3.54 -10.11
N SER A 188 1.61 3.97 -8.96
CA SER A 188 2.21 3.53 -7.68
C SER A 188 2.20 2.00 -7.56
N MET A 189 1.09 1.38 -7.92
CA MET A 189 1.02 -0.07 -7.88
C MET A 189 2.12 -0.69 -8.76
N GLY A 190 2.23 -0.18 -9.98
CA GLY A 190 3.22 -0.69 -10.93
C GLY A 190 4.62 -0.61 -10.36
N LEU A 191 4.94 0.51 -9.74
CA LEU A 191 6.27 0.70 -9.18
C LEU A 191 6.47 -0.24 -7.98
N SER A 192 5.46 -0.35 -7.14
CA SER A 192 5.54 -1.26 -6.00
C SER A 192 5.85 -2.65 -6.51
N LEU A 193 5.19 -3.07 -7.59
CA LEU A 193 5.39 -4.42 -8.11
C LEU A 193 6.81 -4.64 -8.64
N VAL A 194 7.32 -3.71 -9.43
CA VAL A 194 8.69 -3.84 -9.87
C VAL A 194 9.60 -3.91 -8.64
N GLU A 195 9.34 -3.09 -7.63
CA GLU A 195 10.20 -3.10 -6.45
C GLU A 195 10.27 -4.49 -5.85
N MET A 196 9.11 -5.09 -5.66
CA MET A 196 9.00 -6.32 -4.91
C MET A 196 9.48 -7.51 -5.71
N ALA A 197 9.41 -7.40 -7.04
CA ALA A 197 9.90 -8.44 -7.92
C ALA A 197 11.42 -8.49 -7.90
N VAL A 198 12.04 -7.32 -7.86
CA VAL A 198 13.48 -7.15 -8.02
C VAL A 198 14.24 -7.10 -6.70
N GLY A 199 13.56 -6.68 -5.64
CA GLY A 199 14.15 -6.72 -4.31
C GLY A 199 14.72 -5.41 -3.83
N ARG A 200 14.53 -4.34 -4.61
CA ARG A 200 14.93 -3.00 -4.19
C ARG A 200 14.18 -1.96 -5.01
N TYR A 201 14.19 -0.72 -4.51
CA TYR A 201 13.48 0.37 -5.16
C TYR A 201 14.06 0.57 -6.55
N PRO A 202 13.21 0.62 -7.59
CA PRO A 202 13.69 0.45 -8.93
C PRO A 202 14.23 1.71 -9.60
N ILE A 203 14.41 2.78 -8.85
CA ILE A 203 14.92 3.99 -9.45
C ILE A 203 16.11 4.42 -8.65
N PRO A 204 17.27 4.60 -9.29
CA PRO A 204 17.51 4.46 -10.72
C PRO A 204 17.50 2.97 -11.10
N PRO A 205 17.38 2.66 -12.39
CA PRO A 205 17.35 1.23 -12.71
C PRO A 205 18.73 0.60 -12.54
N PRO A 206 18.77 -0.71 -12.28
CA PRO A 206 20.06 -1.38 -12.15
C PRO A 206 20.77 -1.53 -13.48
N ASP A 207 22.09 -1.41 -13.47
CA ASP A 207 22.89 -1.69 -14.68
C ASP A 207 22.90 -3.20 -14.97
N ALA A 208 23.44 -3.58 -16.13
CA ALA A 208 23.58 -4.98 -16.52
C ALA A 208 24.33 -5.79 -15.45
N LYS A 209 25.39 -5.19 -14.88
CA LYS A 209 26.23 -5.87 -13.88
C LYS A 209 25.52 -6.11 -12.55
N GLU A 210 24.63 -5.20 -12.18
CA GLU A 210 23.84 -5.37 -10.96
C GLU A 210 22.73 -6.42 -11.17
N LEU A 211 22.29 -6.58 -12.41
CA LEU A 211 21.31 -7.62 -12.77
C LEU A 211 21.89 -9.03 -12.76
N GLU A 212 23.16 -9.17 -13.16
CA GLU A 212 23.87 -10.44 -13.07
C GLU A 212 23.95 -10.90 -11.60
N LEU A 213 24.26 -9.96 -10.70
CA LEU A 213 24.39 -10.24 -9.27
C LEU A 213 23.09 -10.68 -8.62
N MET A 214 21.99 -9.99 -8.95
CA MET A 214 20.67 -10.40 -8.51
C MET A 214 20.28 -11.74 -9.14
N PHE A 215 20.40 -11.80 -10.48
CA PHE A 215 20.02 -12.97 -11.26
C PHE A 215 21.19 -13.48 -12.10
N PRO A 246 25.89 5.57 -4.07
CA PRO A 246 25.11 5.95 -2.90
C PRO A 246 23.64 6.16 -3.24
N PRO A 247 22.80 6.49 -2.23
CA PRO A 247 21.40 6.82 -2.54
C PRO A 247 21.31 8.13 -3.33
N MET A 248 20.23 8.28 -4.11
CA MET A 248 20.02 9.49 -4.92
C MET A 248 19.55 10.65 -4.05
N ALA A 249 19.84 11.87 -4.48
CA ALA A 249 19.29 13.05 -3.83
C ALA A 249 17.84 13.26 -4.30
N ILE A 250 17.14 14.14 -3.61
CA ILE A 250 15.69 14.19 -3.70
C ILE A 250 15.29 14.67 -5.11
N PHE A 251 15.92 15.75 -5.54
CA PHE A 251 15.65 16.30 -6.85
C PHE A 251 16.07 15.36 -7.98
N GLU A 252 17.30 14.85 -7.90
CA GLU A 252 17.78 13.81 -8.82
C GLU A 252 16.75 12.72 -9.11
N LEU A 253 16.15 12.21 -8.05
CA LEU A 253 15.25 11.06 -8.12
C LEU A 253 13.93 11.49 -8.74
N LEU A 254 13.43 12.64 -8.29
CA LEU A 254 12.14 13.13 -8.76
C LEU A 254 12.28 13.53 -10.21
N ASP A 255 13.41 14.16 -10.58
CA ASP A 255 13.68 14.40 -12.00
C ASP A 255 13.69 13.11 -12.83
N TYR A 256 14.24 12.04 -12.27
CA TYR A 256 14.30 10.80 -13.01
C TYR A 256 12.86 10.33 -13.32
N ILE A 257 12.01 10.33 -12.30
CA ILE A 257 10.64 9.89 -12.44
C ILE A 257 9.92 10.70 -13.53
N VAL A 258 10.09 12.03 -13.56
CA VAL A 258 9.28 12.82 -14.50
C VAL A 258 9.84 12.89 -15.90
N ASN A 259 11.17 12.91 -16.02
CA ASN A 259 11.84 13.18 -17.28
C ASN A 259 12.50 12.01 -17.96
N GLU A 260 12.67 10.89 -17.25
CA GLU A 260 13.46 9.78 -17.77
C GLU A 260 12.56 8.58 -18.04
N PRO A 261 13.00 7.66 -18.92
CA PRO A 261 12.01 6.63 -19.25
C PRO A 261 11.71 5.80 -18.00
N PRO A 262 10.49 5.25 -17.91
CA PRO A 262 10.05 4.55 -16.73
C PRO A 262 10.74 3.20 -16.53
N PRO A 263 10.75 2.69 -15.28
CA PRO A 263 11.41 1.42 -15.02
C PRO A 263 10.66 0.25 -15.63
N LYS A 264 11.43 -0.78 -15.95
CA LYS A 264 10.96 -1.92 -16.68
C LYS A 264 11.33 -3.12 -15.86
N LEU A 265 10.52 -4.15 -15.96
CA LEU A 265 10.91 -5.43 -15.45
C LEU A 265 12.04 -5.95 -16.37
N PRO A 266 13.13 -6.48 -15.78
CA PRO A 266 14.21 -6.94 -16.64
C PRO A 266 13.77 -8.14 -17.43
N SER A 267 14.33 -8.29 -18.62
CA SER A 267 13.91 -9.36 -19.51
C SER A 267 14.53 -10.70 -19.13
N GLY A 268 13.82 -11.79 -19.43
CA GLY A 268 14.33 -13.13 -19.26
C GLY A 268 13.85 -13.85 -18.02
N VAL A 269 14.05 -13.24 -16.85
CA VAL A 269 13.69 -13.89 -15.58
C VAL A 269 12.19 -13.75 -15.16
N PHE A 270 11.43 -12.94 -15.90
CA PHE A 270 9.99 -12.77 -15.65
C PHE A 270 9.19 -13.02 -16.92
N SER A 271 7.96 -13.53 -16.76
CA SER A 271 7.10 -13.84 -17.91
C SER A 271 6.79 -12.59 -18.70
N LEU A 272 6.53 -12.77 -19.99
CA LEU A 272 6.27 -11.65 -20.89
C LEU A 272 4.99 -10.93 -20.48
N GLU A 273 4.01 -11.68 -19.98
CA GLU A 273 2.72 -11.10 -19.56
C GLU A 273 2.86 -10.20 -18.34
N PHE A 274 3.66 -10.61 -17.37
CA PHE A 274 3.97 -9.76 -16.23
C PHE A 274 4.69 -8.49 -16.70
N GLN A 275 5.67 -8.64 -17.58
CA GLN A 275 6.38 -7.48 -18.13
C GLN A 275 5.42 -6.49 -18.77
N ASP A 276 4.45 -7.02 -19.51
CA ASP A 276 3.50 -6.15 -20.18
C ASP A 276 2.65 -5.44 -19.13
N PHE A 277 2.17 -6.22 -18.17
CA PHE A 277 1.35 -5.72 -17.07
C PHE A 277 1.97 -4.46 -16.47
N VAL A 278 3.19 -4.57 -15.96
CA VAL A 278 3.82 -3.41 -15.34
C VAL A 278 4.08 -2.31 -16.36
N ASN A 279 4.41 -2.65 -17.60
CA ASN A 279 4.62 -1.63 -18.61
C ASN A 279 3.34 -0.84 -18.85
N LYS A 280 2.21 -1.52 -18.81
CA LYS A 280 0.92 -0.84 -18.95
C LYS A 280 0.62 0.06 -17.76
N CYS A 281 1.12 -0.34 -16.59
CA CYS A 281 0.91 0.47 -15.37
C CYS A 281 1.81 1.69 -15.32
N LEU A 282 2.94 1.62 -16.03
CA LEU A 282 4.01 2.58 -15.83
C LEU A 282 4.19 3.55 -17.00
N ILE A 283 3.17 3.64 -17.84
CA ILE A 283 3.15 4.59 -18.94
C ILE A 283 3.04 6.00 -18.33
N LYS A 284 3.99 6.87 -18.64
CA LYS A 284 4.01 8.21 -18.05
C LYS A 284 2.72 8.99 -18.21
N ASN A 285 2.07 8.89 -19.36
CA ASN A 285 0.87 9.68 -19.64
C ASN A 285 -0.30 8.97 -18.99
N PRO A 286 -0.98 9.65 -18.04
CA PRO A 286 -2.06 9.00 -17.28
C PRO A 286 -3.28 8.56 -18.09
N ALA A 287 -3.55 9.24 -19.21
CA ALA A 287 -4.67 8.84 -20.06
C ALA A 287 -4.28 7.65 -20.93
N GLU A 288 -3.02 7.56 -21.29
CA GLU A 288 -2.53 6.45 -22.08
C GLU A 288 -2.34 5.22 -21.16
N ARG A 289 -2.02 5.47 -19.91
CA ARG A 289 -1.84 4.42 -18.90
C ARG A 289 -3.06 3.56 -18.73
N ALA A 290 -2.88 2.27 -18.46
CA ALA A 290 -4.00 1.38 -18.19
C ALA A 290 -4.85 1.80 -16.99
N ASP A 291 -6.15 1.56 -17.04
CA ASP A 291 -6.99 1.78 -15.89
C ASP A 291 -7.38 0.42 -15.28
N LEU A 292 -8.17 0.46 -14.21
CA LEU A 292 -8.48 -0.75 -13.44
C LEU A 292 -9.28 -1.75 -14.27
N LYS A 293 -10.17 -1.23 -15.10
CA LYS A 293 -11.03 -2.06 -15.95
C LYS A 293 -10.17 -2.90 -16.90
N GLN A 294 -9.17 -2.25 -17.50
CA GLN A 294 -8.29 -2.92 -18.46
C GLN A 294 -7.32 -3.87 -17.78
N LEU A 295 -6.79 -3.46 -16.65
CA LEU A 295 -5.89 -4.30 -15.89
C LEU A 295 -6.59 -5.57 -15.42
N MET A 296 -7.86 -5.46 -15.06
CA MET A 296 -8.61 -6.60 -14.55
C MET A 296 -8.64 -7.75 -15.58
N VAL A 297 -8.71 -7.43 -16.87
CA VAL A 297 -8.80 -8.43 -17.92
C VAL A 297 -7.46 -8.67 -18.62
N HIS A 298 -6.38 -8.15 -18.05
CA HIS A 298 -5.04 -8.38 -18.60
C HIS A 298 -4.62 -9.84 -18.48
N ALA A 299 -3.86 -10.33 -19.46
CA ALA A 299 -3.39 -11.73 -19.48
C ALA A 299 -2.74 -12.22 -18.16
N PHE A 300 -2.03 -11.29 -17.48
CA PHE A 300 -1.28 -11.59 -16.26
C PHE A 300 -2.19 -11.86 -15.04
N ILE A 301 -3.34 -11.19 -15.03
CA ILE A 301 -4.35 -11.42 -14.02
C ILE A 301 -5.16 -12.70 -14.33
N LYS A 302 -5.60 -12.80 -15.57
CA LYS A 302 -6.31 -13.96 -15.97
C LYS A 302 -5.48 -15.25 -15.66
N ARG A 303 -4.09 -15.05 -15.81
CA ARG A 303 -3.24 -16.24 -15.52
C ARG A 303 -3.20 -16.40 -13.98
N SER A 304 -2.96 -15.30 -13.25
CA SER A 304 -2.83 -15.40 -11.79
C SER A 304 -4.13 -15.83 -11.08
N ASP A 305 -5.30 -15.51 -11.69
CA ASP A 305 -6.58 -15.95 -11.13
C ASP A 305 -6.58 -17.41 -11.07
N ALA A 306 -6.08 -18.03 -12.13
CA ALA A 306 -6.20 -19.52 -12.33
C ALA A 306 -5.27 -20.26 -11.37
N GLU A 307 -4.00 -19.81 -11.31
CA GLU A 307 -2.92 -20.47 -10.58
C GLU A 307 -3.29 -20.92 -9.17
N GLU A 308 -2.63 -21.97 -8.71
CA GLU A 308 -2.85 -22.50 -7.38
C GLU A 308 -1.62 -22.15 -6.58
N VAL A 309 -1.80 -21.27 -5.61
CA VAL A 309 -0.70 -20.71 -4.85
C VAL A 309 -1.08 -20.72 -3.40
N ASP A 310 -0.21 -21.30 -2.57
CA ASP A 310 -0.43 -21.36 -1.13
C ASP A 310 0.27 -20.14 -0.56
N PHE A 311 -0.36 -18.97 -0.75
CA PHE A 311 0.19 -17.71 -0.25
C PHE A 311 0.34 -17.73 1.26
N ALA A 312 -0.71 -18.17 1.95
CA ALA A 312 -0.61 -18.35 3.40
C ALA A 312 0.68 -19.09 3.76
N GLY A 313 0.88 -20.26 3.15
CA GLY A 313 2.04 -21.11 3.40
C GLY A 313 3.37 -20.44 3.11
N TRP A 314 3.48 -19.81 1.94
CA TRP A 314 4.69 -19.11 1.56
C TRP A 314 5.04 -18.01 2.57
N LEU A 315 4.04 -17.20 2.87
CA LEU A 315 4.20 -16.05 3.78
C LEU A 315 4.79 -16.50 5.11
N CYS A 316 4.19 -17.51 5.72
CA CYS A 316 4.65 -17.97 7.03
C CYS A 316 6.05 -18.57 6.93
N SER A 317 6.21 -19.51 6.00
CA SER A 317 7.51 -20.07 5.66
C SER A 317 8.61 -18.98 5.59
N THR A 318 8.39 -17.91 4.82
CA THR A 318 9.44 -16.88 4.65
C THR A 318 9.67 -15.95 5.84
N ILE A 319 8.65 -15.65 6.64
CA ILE A 319 8.85 -14.78 7.83
C ILE A 319 8.84 -15.50 9.18
N GLY A 320 8.47 -16.77 9.20
CA GLY A 320 8.53 -17.59 10.40
C GLY A 320 7.42 -17.32 11.41
N LEU A 321 6.21 -17.75 11.09
CA LEU A 321 5.05 -17.54 11.94
C LEU A 321 4.31 -18.84 12.29
N ASN A 322 3.55 -19.37 11.33
CA ASN A 322 2.70 -20.56 11.56
C ASN A 322 3.52 -21.85 11.73
C1 3V0 B . -7.50 10.14 4.70
F1 3V0 B . -5.10 4.09 9.32
I1 3V0 B . -8.57 0.81 7.03
N1 3V0 B . -8.22 9.23 5.39
O1 3V0 B . -4.11 8.88 5.54
C2 3V0 B . -6.12 10.07 4.70
N2 3V0 B . -1.58 7.63 6.11
O2 3V0 B . -2.63 6.51 7.73
C3 3V0 B . -7.65 8.24 6.11
N3 3V0 B . -5.39 6.19 7.55
O3 3V0 B . -0.38 7.15 6.53
C4 3V0 B . -6.28 8.14 6.15
O4 3V0 B . 1.04 7.14 9.14
C5 3V0 B . -5.51 9.06 5.43
O5 3V0 B . 2.44 9.27 9.28
C6 3V0 B . -3.98 7.79 6.35
C7 3V0 B . -5.33 7.32 6.75
C8 3V0 B . -2.67 7.25 6.76
C9 3V0 B . -6.10 5.02 7.37
C10 3V0 B . -7.00 4.82 6.32
C11 3V0 B . -7.70 3.65 6.19
C12 3V0 B . -7.54 2.64 7.14
C13 3V0 B . -6.66 2.81 8.18
C14 3V0 B . -5.94 3.99 8.30
C15 3V0 B . 0.66 8.08 6.86
C16 3V0 B . 1.65 7.50 7.87
C17 3V0 B . 2.73 8.55 8.08
PG ATP C . 4.87 5.83 5.61
O1G ATP C . 5.73 6.18 4.41
O2G ATP C . 3.37 5.64 5.32
O3G ATP C . 5.22 6.68 6.82
PB ATP C . 4.29 3.35 6.62
O1B ATP C . 3.10 3.22 5.71
O2B ATP C . 5.15 2.19 7.04
O3B ATP C . 5.34 4.34 5.97
PA ATP C . 2.57 3.76 8.86
O1A ATP C . 2.54 4.65 10.08
O2A ATP C . 1.30 3.62 8.04
O3A ATP C . 3.81 4.18 7.93
O5' ATP C . 2.89 2.26 9.33
C5' ATP C . 4.07 1.88 10.00
C4' ATP C . 4.12 0.35 9.99
O4' ATP C . 3.07 -0.17 10.79
C3' ATP C . 3.94 -0.29 8.63
O3' ATP C . 5.18 -0.39 7.93
C2' ATP C . 3.38 -1.65 8.99
O2' ATP C . 4.45 -2.60 9.13
C1' ATP C . 2.74 -1.46 10.35
N9 ATP C . 1.28 -1.52 10.31
C8 ATP C . 0.47 -0.52 9.98
N7 ATP C . -0.81 -0.92 10.04
C5 ATP C . -0.83 -2.23 10.43
C6 ATP C . -1.85 -3.27 10.72
N6 ATP C . -3.14 -2.98 10.57
N1 ATP C . -1.47 -4.52 11.10
C2 ATP C . -0.14 -4.80 11.24
N3 ATP C . 0.83 -3.90 11.00
C4 ATP C . 0.57 -2.61 10.61
MG MG D . 1.23 3.49 6.04
#